data_4GBT
#
_entry.id   4GBT
#
_cell.length_a   255.200
_cell.length_b   350.100
_cell.length_c   272.100
_cell.angle_alpha   90.00
_cell.angle_beta   90.12
_cell.angle_gamma   90.00
#
_symmetry.space_group_name_H-M   'P 1 21 1'
#
loop_
_entity.id
_entity.type
_entity.pdbx_description
1 polymer 'Capsid protein VP1'
2 non-polymer 'SODIUM ION'
3 non-polymer 'CHLORIDE ION'
4 water water
#
_entity_poly.entity_id   1
_entity_poly.type   'polypeptide(L)'
_entity_poly.pdbx_seq_one_letter_code
;MAPPAKRAKRGWVPPGYKYLGPGNSLDQGEPTNPSDAAAKEHDEAYDQYIKSGKNPYLYFSPADQRFIDQTKDAKDWGGK
VGHYFFRTKRAFAPKLSTDSEPGTSGVSRPGKRTKPPAHIFVNQARAKKKRASLAAQQRTLTMSDGTETNQPDTGIANAR
VERSADGGGSSGGGGSGGGGIGVSTGTYDNQTTYKFLGDGWVEITAHASRLLHLGMPPSENYCRVTVHNNQTTGHGTKVK
GNMAYDDTHQQIWTPWSLVDANAWGVWFQPSDWQFIQNSMESLNLDSLSQELFNVVVKTVTEQQGAGQDAIKVYNNDLTA
CMMVALDSNNILPYTPAAQTSETLGFYPWKPTAPAPYRYYFFMPRQLSVTSSNSAEGTQITDTIGEPQALNSQFFTIENT
LPITLLRTGDEFTTGTYIFNTDPLKLTHTWQTNRHLGMPPRITDLPTSDTATASLTANGDRFGSTQTQNVNYVTEALRTR
PAQIGFMQPHDNFEANRGGPFKVPVVPLDITAGEDHDANGAIRFNYGKQHGEDWAKQGAAPERYTWDAIDSAAGRDTARC
FVQSAPISIPPNQNQILQREDAIAGRTNMHYTNVFNSYGPLSAFPHPDPIYPNGQIWDKELDLEHKPRLHVTAPFVCKNN
PPGQLFVRLGPNLTDQFDPNSTTVSRIVTYSTFYWKGILKFKAKLRPNLTWNPVYQATTDSVANSYMNVKKWLPSATGNM
HSDPLICRPVPHMTY
;
_entity_poly.pdbx_strand_id   A
#
# COMPACT_ATOMS: atom_id res chain seq x y z
N GLY A 180 31.61 27.49 -5.50
CA GLY A 180 31.61 26.23 -4.69
C GLY A 180 31.76 24.99 -5.57
N ILE A 181 32.42 25.16 -6.71
CA ILE A 181 32.63 24.06 -7.68
C ILE A 181 33.22 22.76 -7.15
N GLY A 182 34.44 22.84 -6.64
CA GLY A 182 35.12 21.64 -6.18
C GLY A 182 34.91 21.19 -4.75
N VAL A 183 33.79 21.52 -4.14
CA VAL A 183 33.54 21.11 -2.76
C VAL A 183 32.17 20.47 -2.61
N SER A 184 32.14 19.32 -1.93
CA SER A 184 30.89 18.62 -1.74
C SER A 184 29.99 19.47 -0.88
N THR A 185 28.69 19.27 -1.03
CA THR A 185 27.71 20.04 -0.31
C THR A 185 26.83 19.19 0.62
N GLY A 186 27.26 17.95 0.86
CA GLY A 186 26.50 17.08 1.72
C GLY A 186 27.22 15.81 2.12
N THR A 187 26.54 15.00 2.92
CA THR A 187 27.11 13.75 3.40
C THR A 187 26.22 12.55 3.13
N TYR A 188 26.82 11.47 2.66
CA TYR A 188 26.06 10.26 2.40
C TYR A 188 25.93 9.54 3.73
N ASP A 189 24.74 9.05 4.04
CA ASP A 189 24.56 8.32 5.28
C ASP A 189 23.32 7.44 5.16
N ASN A 190 23.50 6.13 5.32
CA ASN A 190 22.37 5.23 5.23
C ASN A 190 22.34 4.28 6.41
N GLN A 191 22.68 4.78 7.60
CA GLN A 191 22.66 3.92 8.76
C GLN A 191 21.47 4.16 9.67
N THR A 192 21.01 3.09 10.30
CA THR A 192 19.87 3.15 11.19
C THR A 192 20.36 3.12 12.62
N THR A 193 20.10 4.19 13.36
CA THR A 193 20.55 4.28 14.74
C THR A 193 19.43 4.25 15.76
N TYR A 194 19.63 3.43 16.79
CA TYR A 194 18.67 3.26 17.89
C TYR A 194 19.20 3.97 19.12
N LYS A 195 18.36 4.83 19.69
CA LYS A 195 18.70 5.54 20.91
C LYS A 195 17.65 5.25 21.97
N PHE A 196 18.06 4.55 23.04
CA PHE A 196 17.11 4.22 24.08
C PHE A 196 17.13 5.27 25.17
N LEU A 197 15.97 5.87 25.42
CA LEU A 197 15.83 6.92 26.42
C LEU A 197 15.50 6.34 27.78
N GLY A 198 15.32 5.03 27.82
CA GLY A 198 14.99 4.34 29.05
C GLY A 198 13.50 4.18 29.23
N ASP A 199 13.11 3.24 30.10
CA ASP A 199 11.71 2.94 30.35
C ASP A 199 11.11 2.22 29.15
N GLY A 200 11.98 1.70 28.29
CA GLY A 200 11.54 0.99 27.11
C GLY A 200 11.28 1.87 25.90
N TRP A 201 11.49 3.17 26.02
CA TRP A 201 11.26 4.03 24.88
C TRP A 201 12.49 4.09 23.98
N VAL A 202 12.26 4.07 22.68
CA VAL A 202 13.35 4.10 21.73
C VAL A 202 13.17 5.14 20.63
N GLU A 203 14.27 5.77 20.25
CA GLU A 203 14.25 6.76 19.20
C GLU A 203 14.98 6.17 18.00
N ILE A 204 14.21 5.63 17.06
CA ILE A 204 14.81 5.05 15.88
C ILE A 204 14.98 6.13 14.84
N THR A 205 16.22 6.37 14.47
CA THR A 205 16.53 7.39 13.48
C THR A 205 17.06 6.71 12.24
N ALA A 206 16.26 6.70 11.18
CA ALA A 206 16.67 6.05 9.95
C ALA A 206 17.21 7.04 8.95
N HIS A 207 18.49 6.89 8.62
CA HIS A 207 19.12 7.72 7.62
C HIS A 207 19.08 6.98 6.30
N ALA A 208 18.73 7.67 5.24
CA ALA A 208 18.68 7.05 3.93
C ALA A 208 19.28 7.99 2.91
N SER A 209 20.12 7.45 2.02
CA SER A 209 20.76 8.25 0.99
C SER A 209 20.81 7.43 -0.29
N ARG A 210 20.63 8.10 -1.42
CA ARG A 210 20.67 7.43 -2.72
C ARG A 210 21.26 8.38 -3.74
N LEU A 211 21.83 7.82 -4.80
CA LEU A 211 22.37 8.63 -5.88
C LEU A 211 21.28 8.60 -6.94
N LEU A 212 20.79 9.77 -7.35
CA LEU A 212 19.73 9.82 -8.34
C LEU A 212 20.15 10.25 -9.73
N HIS A 213 19.39 9.78 -10.72
CA HIS A 213 19.65 10.11 -12.11
C HIS A 213 18.43 10.78 -12.72
N LEU A 214 18.63 11.94 -13.35
CA LEU A 214 17.52 12.66 -13.94
C LEU A 214 17.82 13.03 -15.38
N GLY A 215 16.96 12.61 -16.29
CA GLY A 215 17.16 12.93 -17.69
C GLY A 215 16.17 14.02 -18.08
N MET A 216 16.39 14.68 -19.22
CA MET A 216 15.48 15.73 -19.63
C MET A 216 14.14 15.13 -20.02
N PRO A 217 13.06 15.90 -19.88
CA PRO A 217 11.71 15.43 -20.21
C PRO A 217 11.54 15.24 -21.71
N PRO A 218 10.74 14.24 -22.11
CA PRO A 218 10.52 14.00 -23.54
C PRO A 218 9.84 15.23 -24.17
N SER A 219 8.95 15.86 -23.42
CA SER A 219 8.27 17.07 -23.87
C SER A 219 8.58 18.21 -22.93
N GLU A 220 8.62 19.41 -23.46
CA GLU A 220 8.93 20.58 -22.68
C GLU A 220 7.70 21.14 -21.97
N ASN A 221 6.50 20.73 -22.40
CA ASN A 221 5.29 21.26 -21.79
C ASN A 221 4.29 20.30 -21.17
N TYR A 222 3.20 20.87 -20.63
CA TYR A 222 2.15 20.11 -19.97
C TYR A 222 1.19 19.56 -21.00
N CYS A 223 0.82 18.28 -20.87
CA CYS A 223 -0.08 17.62 -21.82
C CYS A 223 -1.29 16.99 -21.16
N ARG A 224 -2.44 17.09 -21.83
CA ARG A 224 -3.66 16.49 -21.32
C ARG A 224 -3.85 15.19 -22.10
N VAL A 225 -3.25 14.13 -21.59
CA VAL A 225 -3.30 12.84 -22.24
C VAL A 225 -4.52 11.98 -21.88
N THR A 226 -4.99 11.20 -22.85
CA THR A 226 -6.14 10.32 -22.63
C THR A 226 -5.78 8.88 -22.93
N VAL A 227 -6.33 7.95 -22.16
CA VAL A 227 -6.09 6.55 -22.37
C VAL A 227 -7.46 5.90 -22.51
N HIS A 228 -7.68 5.26 -23.66
CA HIS A 228 -8.95 4.60 -23.95
C HIS A 228 -8.73 3.22 -24.57
N ASN A 229 -8.88 2.17 -23.77
CA ASN A 229 -8.68 0.82 -24.26
C ASN A 229 -10.06 0.28 -24.57
N ASN A 230 -10.59 0.68 -25.74
CA ASN A 230 -11.91 0.27 -26.17
C ASN A 230 -11.82 -0.68 -27.38
N GLN A 231 -10.80 -1.54 -27.39
CA GLN A 231 -10.64 -2.50 -28.47
C GLN A 231 -11.76 -3.52 -28.39
N THR A 232 -12.07 -4.16 -29.52
CA THR A 232 -13.15 -5.15 -29.58
C THR A 232 -12.58 -6.56 -29.49
N THR A 233 -11.29 -6.66 -29.23
CA THR A 233 -10.62 -7.95 -29.12
C THR A 233 -9.57 -7.93 -28.02
N GLY A 234 -9.38 -9.08 -27.38
CA GLY A 234 -8.38 -9.20 -26.33
C GLY A 234 -8.84 -8.62 -25.01
N HIS A 235 -8.01 -7.75 -24.43
CA HIS A 235 -8.32 -7.15 -23.14
C HIS A 235 -9.00 -5.79 -23.27
N GLY A 236 -9.71 -5.59 -24.38
CA GLY A 236 -10.41 -4.35 -24.61
C GLY A 236 -11.70 -4.26 -23.81
N THR A 237 -12.26 -3.06 -23.73
CA THR A 237 -13.51 -2.86 -22.98
C THR A 237 -14.72 -3.11 -23.85
N LYS A 238 -14.51 -3.16 -25.16
CA LYS A 238 -15.60 -3.41 -26.10
C LYS A 238 -16.03 -4.87 -26.12
N VAL A 239 -15.15 -5.78 -25.72
CA VAL A 239 -15.51 -7.21 -25.69
C VAL A 239 -16.43 -7.46 -24.49
N LYS A 240 -17.45 -8.30 -24.70
CA LYS A 240 -18.42 -8.59 -23.65
C LYS A 240 -17.85 -9.18 -22.37
N GLY A 241 -18.24 -8.60 -21.25
CA GLY A 241 -17.79 -9.07 -19.94
C GLY A 241 -16.43 -8.58 -19.48
N ASN A 242 -15.84 -7.64 -20.22
CA ASN A 242 -14.53 -7.12 -19.88
C ASN A 242 -14.46 -5.82 -19.07
N MET A 243 -15.48 -5.52 -18.28
CA MET A 243 -15.46 -4.30 -17.49
C MET A 243 -14.21 -4.17 -16.64
N ALA A 244 -13.92 -5.19 -15.84
CA ALA A 244 -12.76 -5.18 -14.96
C ALA A 244 -11.45 -4.74 -15.63
N TYR A 245 -11.35 -4.92 -16.94
CA TYR A 245 -10.14 -4.54 -17.67
C TYR A 245 -10.02 -3.05 -17.99
N ASP A 246 -11.03 -2.27 -17.63
CA ASP A 246 -11.03 -0.85 -17.94
C ASP A 246 -9.83 -0.07 -17.42
N ASP A 247 -9.21 0.70 -18.33
CA ASP A 247 -8.05 1.52 -17.99
C ASP A 247 -8.26 2.94 -18.46
N THR A 248 -9.40 3.23 -19.08
CA THR A 248 -9.60 4.58 -19.60
C THR A 248 -9.69 5.66 -18.51
N HIS A 249 -9.02 6.78 -18.78
CA HIS A 249 -8.97 7.92 -17.87
C HIS A 249 -8.21 9.02 -18.59
N GLN A 250 -8.18 10.21 -18.00
CA GLN A 250 -7.44 11.32 -18.60
C GLN A 250 -6.46 11.79 -17.54
N GLN A 251 -5.29 12.26 -17.95
CA GLN A 251 -4.28 12.72 -17.00
C GLN A 251 -3.52 13.95 -17.49
N ILE A 252 -2.95 14.71 -16.55
CA ILE A 252 -2.15 15.87 -16.91
C ILE A 252 -0.71 15.40 -16.76
N TRP A 253 -0.02 15.32 -17.88
CA TRP A 253 1.36 14.87 -17.87
C TRP A 253 2.25 16.10 -17.71
N THR A 254 3.16 16.06 -16.74
CA THR A 254 4.04 17.20 -16.50
C THR A 254 5.50 16.86 -16.72
N PRO A 255 6.28 17.87 -17.11
CA PRO A 255 7.71 17.70 -17.35
C PRO A 255 8.49 17.58 -16.06
N TRP A 256 7.79 17.56 -14.94
CA TRP A 256 8.47 17.46 -13.66
C TRP A 256 8.56 16.02 -13.16
N SER A 257 9.48 15.78 -12.25
CA SER A 257 9.66 14.48 -11.66
C SER A 257 9.50 14.59 -10.14
N LEU A 258 9.09 13.50 -9.53
CA LEU A 258 8.84 13.44 -8.11
C LEU A 258 9.82 12.54 -7.38
N VAL A 259 10.35 13.02 -6.26
CA VAL A 259 11.27 12.23 -5.44
C VAL A 259 10.42 11.72 -4.28
N ASP A 260 10.05 10.44 -4.32
CA ASP A 260 9.21 9.86 -3.27
C ASP A 260 9.91 8.73 -2.52
N ALA A 261 10.00 8.87 -1.20
CA ALA A 261 10.65 7.86 -0.37
C ALA A 261 9.66 7.27 0.62
N ASN A 262 8.38 7.46 0.35
CA ASN A 262 7.32 6.95 1.20
C ASN A 262 7.11 5.43 1.03
N ALA A 263 8.02 4.63 1.60
CA ALA A 263 7.92 3.17 1.51
C ALA A 263 8.92 2.58 2.50
N TRP A 264 8.47 1.61 3.28
CA TRP A 264 9.31 1.00 4.29
C TRP A 264 10.69 0.60 3.77
N GLY A 265 10.72 -0.01 2.59
CA GLY A 265 11.98 -0.47 2.03
C GLY A 265 13.08 0.55 1.89
N VAL A 266 12.73 1.83 1.85
CA VAL A 266 13.73 2.87 1.69
C VAL A 266 14.56 3.14 2.93
N TRP A 267 13.96 2.92 4.10
CA TRP A 267 14.62 3.22 5.35
C TRP A 267 15.29 2.13 6.18
N PHE A 268 14.77 0.91 6.11
CA PHE A 268 15.37 -0.14 6.91
C PHE A 268 15.92 -1.30 6.11
N GLN A 269 17.00 -1.90 6.59
CA GLN A 269 17.50 -3.09 5.93
C GLN A 269 16.75 -4.21 6.63
N PRO A 270 16.52 -5.33 5.94
CA PRO A 270 15.80 -6.47 6.50
C PRO A 270 15.95 -6.70 7.99
N SER A 271 17.19 -6.89 8.45
CA SER A 271 17.45 -7.15 9.86
C SER A 271 16.78 -6.16 10.81
N ASP A 272 16.81 -4.89 10.44
CA ASP A 272 16.20 -3.84 11.25
C ASP A 272 14.74 -4.14 11.45
N TRP A 273 14.04 -4.35 10.35
CA TRP A 273 12.62 -4.65 10.40
C TRP A 273 12.37 -5.84 11.31
N GLN A 274 13.21 -6.85 11.19
CA GLN A 274 13.07 -8.05 12.00
C GLN A 274 13.20 -7.72 13.49
N PHE A 275 14.27 -7.01 13.82
CA PHE A 275 14.56 -6.61 15.18
C PHE A 275 13.43 -5.81 15.82
N ILE A 276 12.87 -4.89 15.04
CA ILE A 276 11.77 -4.07 15.52
C ILE A 276 10.52 -4.91 15.76
N GLN A 277 10.21 -5.79 14.81
CA GLN A 277 9.05 -6.65 14.91
C GLN A 277 9.12 -7.67 16.04
N ASN A 278 10.32 -8.12 16.36
CA ASN A 278 10.51 -9.13 17.40
C ASN A 278 10.63 -8.58 18.81
N SER A 279 11.08 -7.33 18.93
CA SER A 279 11.30 -6.74 20.24
C SER A 279 10.40 -5.59 20.66
N MET A 280 9.87 -4.86 19.68
CA MET A 280 8.99 -3.74 19.99
C MET A 280 7.52 -4.12 19.93
N GLU A 281 6.66 -3.31 20.55
CA GLU A 281 5.23 -3.57 20.57
C GLU A 281 4.42 -2.38 20.08
N SER A 282 5.13 -1.28 19.84
CA SER A 282 4.50 -0.06 19.39
C SER A 282 5.46 0.73 18.53
N LEU A 283 4.93 1.43 17.54
CA LEU A 283 5.76 2.22 16.65
C LEU A 283 5.02 3.46 16.18
N ASN A 284 5.69 4.60 16.15
CA ASN A 284 5.05 5.83 15.70
C ASN A 284 5.98 6.77 14.95
N LEU A 285 5.43 7.51 13.99
CA LEU A 285 6.21 8.49 13.23
C LEU A 285 6.52 9.72 14.08
N ASP A 286 7.76 10.22 14.01
CA ASP A 286 8.14 11.40 14.78
C ASP A 286 8.44 12.65 13.94
N SER A 287 9.41 12.52 13.03
CA SER A 287 9.79 13.65 12.18
C SER A 287 10.41 13.21 10.85
N LEU A 288 10.32 14.08 9.84
CA LEU A 288 10.92 13.81 8.55
C LEU A 288 11.77 14.97 8.02
N SER A 289 12.97 14.67 7.54
CA SER A 289 13.83 15.68 6.92
C SER A 289 14.52 15.15 5.67
N GLN A 290 14.74 16.02 4.68
CA GLN A 290 15.43 15.64 3.46
C GLN A 290 16.29 16.74 2.87
N GLU A 291 17.29 16.36 2.07
CA GLU A 291 18.11 17.33 1.35
C GLU A 291 18.67 16.76 0.04
N LEU A 292 18.93 17.65 -0.91
CA LEU A 292 19.50 17.30 -2.20
C LEU A 292 20.86 17.94 -2.26
N PHE A 293 21.88 17.20 -2.68
CA PHE A 293 23.20 17.80 -2.75
C PHE A 293 24.13 17.17 -3.77
N ASN A 294 25.28 17.81 -3.98
CA ASN A 294 26.27 17.33 -4.93
C ASN A 294 25.66 17.16 -6.30
N VAL A 295 25.04 18.23 -6.78
CA VAL A 295 24.41 18.20 -8.08
C VAL A 295 25.45 18.23 -9.20
N VAL A 296 25.23 17.43 -10.24
CA VAL A 296 26.13 17.40 -11.38
C VAL A 296 25.29 17.38 -12.64
N VAL A 297 25.63 18.24 -13.59
CA VAL A 297 24.89 18.28 -14.84
C VAL A 297 25.86 18.03 -15.98
N LYS A 298 25.47 17.16 -16.91
CA LYS A 298 26.32 16.83 -18.05
C LYS A 298 25.60 16.91 -19.40
N THR A 299 26.37 17.20 -20.45
CA THR A 299 25.83 17.27 -21.80
C THR A 299 26.47 16.18 -22.65
N VAL A 300 25.73 15.68 -23.62
CA VAL A 300 26.22 14.63 -24.49
C VAL A 300 26.37 15.10 -25.92
N THR A 301 27.51 14.80 -26.53
CA THR A 301 27.78 15.18 -27.91
C THR A 301 28.31 13.94 -28.65
N GLU A 302 28.24 13.99 -29.98
CA GLU A 302 28.68 12.87 -30.82
C GLU A 302 30.14 12.91 -31.30
N GLN A 303 30.61 11.76 -31.79
CA GLN A 303 31.98 11.64 -32.31
C GLN A 303 31.93 10.63 -33.47
N GLN A 304 33.10 10.26 -33.99
CA GLN A 304 33.18 9.30 -35.11
C GLN A 304 33.89 7.95 -34.90
N GLY A 305 33.59 6.99 -35.77
CA GLY A 305 34.19 5.66 -35.70
C GLY A 305 34.68 5.17 -37.05
N ALA A 310 29.87 5.79 -34.53
CA ALA A 310 29.96 7.01 -33.71
C ALA A 310 29.83 6.72 -32.21
N ILE A 311 30.70 7.35 -31.42
CA ILE A 311 30.72 7.19 -29.95
C ILE A 311 30.23 8.46 -29.26
N LYS A 312 29.78 8.34 -28.02
CA LYS A 312 29.29 9.48 -27.26
C LYS A 312 30.35 10.05 -26.32
N VAL A 313 30.36 11.36 -26.14
CA VAL A 313 31.30 12.01 -25.25
C VAL A 313 30.52 12.80 -24.20
N TYR A 314 30.97 12.73 -22.96
CA TYR A 314 30.29 13.43 -21.88
C TYR A 314 31.09 14.57 -21.30
N ASN A 315 30.47 15.74 -21.21
CA ASN A 315 31.11 16.93 -20.67
C ASN A 315 30.31 17.54 -19.55
N ASN A 316 30.99 18.33 -18.72
CA ASN A 316 30.33 18.99 -17.62
C ASN A 316 29.85 20.36 -18.04
N ASP A 317 28.62 20.69 -17.66
CA ASP A 317 28.06 22.01 -17.94
C ASP A 317 28.03 22.61 -16.54
N LEU A 318 29.12 23.26 -16.18
CA LEU A 318 29.25 23.85 -14.86
C LEU A 318 28.18 24.87 -14.52
N THR A 319 27.85 25.70 -15.49
CA THR A 319 26.85 26.74 -15.29
C THR A 319 25.40 26.28 -15.38
N ALA A 320 25.16 25.07 -15.88
CA ALA A 320 23.79 24.55 -15.99
C ALA A 320 23.22 24.33 -14.61
N CYS A 321 21.90 24.29 -14.53
CA CYS A 321 21.25 24.10 -13.25
C CYS A 321 20.08 23.14 -13.29
N MET A 322 19.66 22.74 -12.10
CA MET A 322 18.54 21.83 -11.93
C MET A 322 17.48 22.52 -11.08
N MET A 323 16.20 22.41 -11.47
CA MET A 323 15.13 23.05 -10.73
C MET A 323 14.51 22.19 -9.63
N VAL A 324 14.27 22.80 -8.46
CA VAL A 324 13.69 22.12 -7.31
C VAL A 324 12.52 22.90 -6.75
N ALA A 325 11.49 22.19 -6.31
CA ALA A 325 10.31 22.83 -5.74
C ALA A 325 9.74 21.92 -4.66
N LEU A 326 9.27 22.54 -3.59
CA LEU A 326 8.71 21.78 -2.49
C LEU A 326 7.32 22.30 -2.18
N ASP A 327 6.33 21.42 -2.29
CA ASP A 327 4.96 21.82 -2.00
C ASP A 327 4.66 21.59 -0.54
N SER A 328 4.93 22.61 0.27
CA SER A 328 4.69 22.55 1.71
C SER A 328 3.22 22.40 2.08
N ASN A 329 2.33 23.10 1.38
CA ASN A 329 0.93 23.09 1.75
C ASN A 329 0.07 22.08 1.00
N ASN A 330 0.72 21.21 0.23
CA ASN A 330 -0.01 20.22 -0.55
C ASN A 330 -1.18 20.75 -1.38
N ILE A 331 -0.84 21.71 -2.24
CA ILE A 331 -1.74 22.39 -3.17
C ILE A 331 -2.00 21.47 -4.36
N LEU A 332 -0.92 20.85 -4.83
CA LEU A 332 -0.96 19.92 -5.97
C LEU A 332 -1.43 18.55 -5.53
N PRO A 333 -2.04 17.79 -6.45
CA PRO A 333 -2.56 16.44 -6.23
C PRO A 333 -1.53 15.51 -5.57
N TYR A 334 -1.96 14.83 -4.52
CA TYR A 334 -1.08 13.90 -3.81
C TYR A 334 -0.96 12.62 -4.63
N THR A 335 0.27 12.17 -4.86
CA THR A 335 0.47 10.96 -5.66
C THR A 335 1.51 9.99 -5.06
N PRO A 336 1.07 9.13 -4.12
CA PRO A 336 1.93 8.15 -3.46
C PRO A 336 2.58 7.23 -4.49
N ALA A 337 3.89 7.34 -4.66
CA ALA A 337 4.60 6.54 -5.64
C ALA A 337 4.67 5.07 -5.25
N ALA A 338 4.50 4.77 -3.97
CA ALA A 338 4.57 3.40 -3.51
C ALA A 338 3.50 2.53 -4.16
N GLN A 339 2.37 3.15 -4.50
CA GLN A 339 1.23 2.45 -5.11
C GLN A 339 1.51 1.84 -6.46
N THR A 340 2.53 2.35 -7.14
CA THR A 340 2.88 1.85 -8.46
C THR A 340 4.37 1.54 -8.54
N SER A 341 4.91 1.07 -7.42
CA SER A 341 6.32 0.71 -7.29
C SER A 341 7.25 1.71 -7.97
N GLU A 342 7.05 2.99 -7.69
CA GLU A 342 7.86 4.04 -8.28
C GLU A 342 8.62 4.89 -7.27
N THR A 343 8.77 4.40 -6.04
CA THR A 343 9.53 5.15 -5.05
C THR A 343 11.01 4.91 -5.32
N LEU A 344 11.87 5.36 -4.44
CA LEU A 344 13.29 5.14 -4.65
C LEU A 344 13.66 3.69 -4.41
N GLY A 345 14.81 3.28 -4.95
CA GLY A 345 15.25 1.90 -4.80
C GLY A 345 15.59 1.50 -3.39
N PHE A 346 15.31 0.24 -3.05
CA PHE A 346 15.57 -0.27 -1.71
C PHE A 346 16.99 -0.73 -1.49
N TYR A 347 17.90 -0.42 -2.40
CA TYR A 347 19.28 -0.83 -2.23
C TYR A 347 20.17 0.40 -2.25
N PRO A 348 20.82 0.67 -1.13
CA PRO A 348 21.67 1.85 -0.97
C PRO A 348 22.79 1.94 -2.01
N TRP A 349 23.48 0.84 -2.26
CA TRP A 349 24.63 0.88 -3.17
C TRP A 349 24.27 0.91 -4.66
N LYS A 350 22.98 0.93 -4.96
CA LYS A 350 22.50 0.98 -6.33
C LYS A 350 21.80 2.31 -6.60
N PRO A 351 22.04 2.90 -7.79
CA PRO A 351 21.42 4.17 -8.17
C PRO A 351 19.92 4.05 -8.41
N THR A 352 19.23 5.19 -8.37
CA THR A 352 17.77 5.24 -8.58
C THR A 352 17.45 6.49 -9.38
N ALA A 353 16.16 6.68 -9.63
CA ALA A 353 15.72 7.83 -10.36
C ALA A 353 14.34 8.21 -9.87
N PRO A 354 14.00 9.50 -9.97
CA PRO A 354 12.69 9.97 -9.52
C PRO A 354 11.61 9.58 -10.53
N ALA A 355 10.37 9.43 -10.07
CA ALA A 355 9.27 9.08 -10.96
C ALA A 355 8.72 10.35 -11.59
N PRO A 356 8.28 10.28 -12.85
CA PRO A 356 7.73 11.47 -13.51
C PRO A 356 6.37 11.84 -12.89
N TYR A 357 6.14 13.13 -12.67
CA TYR A 357 4.89 13.58 -12.08
C TYR A 357 3.73 13.71 -13.07
N ARG A 358 2.57 13.20 -12.66
CA ARG A 358 1.37 13.23 -13.47
C ARG A 358 0.20 13.12 -12.51
N TYR A 359 -0.96 13.65 -12.90
CA TYR A 359 -2.11 13.56 -12.00
C TYR A 359 -3.42 13.46 -12.77
N TYR A 360 -4.41 12.87 -12.13
CA TYR A 360 -5.72 12.68 -12.76
C TYR A 360 -6.44 13.99 -13.08
N PHE A 361 -7.12 13.99 -14.22
CA PHE A 361 -7.91 15.15 -14.65
C PHE A 361 -9.31 14.61 -14.88
N PHE A 362 -10.33 15.37 -14.53
CA PHE A 362 -11.70 14.88 -14.72
C PHE A 362 -12.11 14.70 -16.16
N MET A 363 -12.80 13.59 -16.42
CA MET A 363 -13.28 13.26 -17.74
C MET A 363 -14.42 12.28 -17.57
N PRO A 364 -15.58 12.62 -18.11
CA PRO A 364 -16.75 11.73 -18.03
C PRO A 364 -16.43 10.36 -18.62
N ARG A 365 -16.97 9.32 -18.02
CA ARG A 365 -16.70 7.96 -18.47
C ARG A 365 -17.85 7.02 -18.12
N GLN A 366 -18.43 6.41 -19.15
CA GLN A 366 -19.53 5.46 -18.97
C GLN A 366 -19.24 4.15 -19.66
N LEU A 367 -19.52 3.04 -18.98
CA LEU A 367 -19.26 1.70 -19.53
C LEU A 367 -20.38 0.79 -19.04
N SER A 368 -21.08 0.13 -19.96
CA SER A 368 -22.19 -0.76 -19.59
C SER A 368 -21.78 -2.18 -19.23
N VAL A 369 -22.56 -2.78 -18.35
CA VAL A 369 -22.30 -4.14 -17.87
C VAL A 369 -22.84 -5.23 -18.79
N THR A 370 -21.99 -6.23 -19.04
CA THR A 370 -22.32 -7.36 -19.91
C THR A 370 -21.57 -8.60 -19.43
N SER A 371 -22.02 -9.76 -19.90
CA SER A 371 -21.41 -11.05 -19.60
C SER A 371 -21.19 -11.80 -20.90
N SER A 372 -20.28 -12.77 -20.88
CA SER A 372 -19.97 -13.54 -22.07
C SER A 372 -21.23 -14.18 -22.62
N ASN A 373 -22.06 -14.68 -21.70
CA ASN A 373 -23.35 -15.28 -22.05
C ASN A 373 -24.28 -14.26 -22.70
N SER A 374 -24.04 -12.99 -22.42
CA SER A 374 -24.95 -11.93 -22.85
C SER A 374 -25.11 -11.86 -24.36
N ALA A 375 -26.31 -11.50 -24.82
CA ALA A 375 -26.65 -11.64 -26.22
C ALA A 375 -25.72 -10.84 -27.14
N GLU A 376 -25.37 -11.47 -28.26
CA GLU A 376 -24.41 -10.92 -29.21
C GLU A 376 -24.87 -9.60 -29.82
N GLY A 377 -26.16 -9.50 -30.13
CA GLY A 377 -26.69 -8.29 -30.73
C GLY A 377 -26.57 -7.12 -29.80
N THR A 378 -26.70 -7.38 -28.49
CA THR A 378 -26.49 -6.35 -27.46
C THR A 378 -25.25 -5.51 -27.78
N GLN A 379 -25.43 -4.20 -27.71
CA GLN A 379 -24.33 -3.28 -28.00
C GLN A 379 -23.78 -2.70 -26.70
N ILE A 380 -22.46 -2.73 -26.57
CA ILE A 380 -21.79 -2.20 -25.38
C ILE A 380 -21.55 -0.71 -25.52
N THR A 381 -22.03 0.07 -24.54
CA THR A 381 -21.85 1.51 -24.55
C THR A 381 -20.54 1.85 -23.85
N ASP A 382 -19.63 2.44 -24.60
CA ASP A 382 -18.32 2.81 -24.08
C ASP A 382 -18.08 4.25 -24.49
N THR A 383 -18.33 5.18 -23.58
CA THR A 383 -18.17 6.60 -23.88
C THR A 383 -17.24 7.38 -22.97
N ILE A 384 -16.68 8.44 -23.51
CA ILE A 384 -15.81 9.34 -22.76
C ILE A 384 -16.17 10.74 -23.24
N GLY A 385 -16.40 11.65 -22.30
CA GLY A 385 -16.82 13.00 -22.65
C GLY A 385 -15.78 14.11 -22.70
N GLU A 386 -16.28 15.31 -22.96
CA GLU A 386 -15.44 16.51 -23.04
C GLU A 386 -15.17 17.09 -21.66
N PRO A 387 -14.04 17.81 -21.52
CA PRO A 387 -13.74 18.40 -20.21
C PRO A 387 -14.88 19.30 -19.70
N GLN A 388 -15.29 19.07 -18.45
CA GLN A 388 -16.37 19.82 -17.80
C GLN A 388 -15.93 21.06 -17.04
N ALA A 389 -16.76 22.10 -17.06
CA ALA A 389 -16.43 23.34 -16.37
C ALA A 389 -16.43 23.18 -14.85
N LEU A 390 -17.40 22.45 -14.34
CA LEU A 390 -17.48 22.26 -12.91
C LEU A 390 -16.38 21.48 -12.28
N ASN A 391 -15.66 20.67 -13.05
CA ASN A 391 -14.64 19.87 -12.41
C ASN A 391 -13.25 19.95 -13.00
N SER A 392 -12.99 20.98 -13.77
CA SER A 392 -11.67 21.11 -14.38
C SER A 392 -10.64 21.82 -13.51
N GLN A 393 -9.52 21.15 -13.29
CA GLN A 393 -8.45 21.72 -12.49
C GLN A 393 -7.10 21.45 -13.10
N PHE A 394 -6.54 22.48 -13.72
CA PHE A 394 -5.24 22.37 -14.35
C PHE A 394 -4.24 23.20 -13.53
N PHE A 395 -3.27 22.54 -12.92
CA PHE A 395 -2.25 23.22 -12.12
C PHE A 395 -0.89 23.10 -12.78
N THR A 396 -0.01 24.06 -12.52
CA THR A 396 1.35 23.97 -13.06
C THR A 396 2.28 24.20 -11.87
N ILE A 397 3.44 23.56 -11.89
CA ILE A 397 4.39 23.75 -10.80
C ILE A 397 4.82 25.22 -10.82
N GLU A 398 5.21 25.71 -12.00
CA GLU A 398 5.67 27.07 -12.18
C GLU A 398 4.78 28.15 -11.56
N ASN A 399 3.47 27.98 -11.70
CA ASN A 399 2.53 28.96 -11.18
C ASN A 399 2.13 28.84 -9.72
N THR A 400 2.42 27.71 -9.10
CA THR A 400 2.01 27.51 -7.72
C THR A 400 3.10 27.41 -6.65
N LEU A 401 4.31 27.03 -7.03
CA LEU A 401 5.38 26.90 -6.05
C LEU A 401 6.60 27.73 -6.36
N PRO A 402 7.34 28.09 -5.32
CA PRO A 402 8.56 28.88 -5.52
C PRO A 402 9.60 27.84 -5.97
N ILE A 403 10.42 28.20 -6.94
CA ILE A 403 11.41 27.26 -7.45
C ILE A 403 12.86 27.66 -7.21
N THR A 404 13.65 26.73 -6.71
CA THR A 404 15.06 26.97 -6.44
C THR A 404 15.91 26.44 -7.57
N LEU A 405 16.92 27.21 -7.98
CA LEU A 405 17.80 26.74 -9.04
C LEU A 405 19.08 26.23 -8.40
N LEU A 406 19.46 24.99 -8.70
CA LEU A 406 20.67 24.42 -8.13
C LEU A 406 21.78 24.20 -9.13
N ARG A 407 22.90 24.92 -8.97
CA ARG A 407 24.04 24.70 -9.85
C ARG A 407 24.90 23.69 -9.10
N THR A 408 25.97 23.20 -9.70
CA THR A 408 26.78 22.18 -9.04
C THR A 408 27.22 22.46 -7.60
N GLY A 409 27.54 23.72 -7.31
CA GLY A 409 27.97 24.08 -5.97
C GLY A 409 26.87 24.37 -4.95
N ASP A 410 25.61 24.26 -5.35
CA ASP A 410 24.48 24.51 -4.46
C ASP A 410 23.97 23.22 -3.85
N GLU A 411 23.01 23.38 -2.94
CA GLU A 411 22.38 22.26 -2.26
C GLU A 411 21.04 22.77 -1.71
N PHE A 412 20.12 21.87 -1.38
CA PHE A 412 18.79 22.26 -0.91
C PHE A 412 18.23 21.43 0.24
N THR A 413 17.65 22.09 1.25
CA THR A 413 17.07 21.39 2.42
C THR A 413 15.61 21.70 2.69
N THR A 414 14.87 20.70 3.17
CA THR A 414 13.46 20.87 3.46
C THR A 414 13.21 21.39 4.87
N GLY A 415 14.18 21.16 5.76
CA GLY A 415 13.95 21.57 7.13
C GLY A 415 13.14 20.43 7.73
N THR A 416 12.93 20.44 9.04
CA THR A 416 12.21 19.34 9.65
C THR A 416 10.70 19.45 9.77
N TYR A 417 10.02 18.38 9.37
CA TYR A 417 8.57 18.30 9.43
C TYR A 417 8.18 17.41 10.60
N ILE A 418 7.15 17.80 11.34
CA ILE A 418 6.71 17.00 12.48
C ILE A 418 5.41 16.28 12.23
N PHE A 419 5.44 14.95 12.37
CA PHE A 419 4.26 14.13 12.14
C PHE A 419 3.29 14.18 13.30
N ASN A 420 2.02 14.02 12.98
CA ASN A 420 0.98 13.98 13.98
C ASN A 420 0.08 12.83 13.57
N THR A 421 0.44 11.63 14.03
CA THR A 421 -0.29 10.42 13.69
C THR A 421 -0.46 9.54 14.92
N ASP A 422 -1.31 8.53 14.83
CA ASP A 422 -1.54 7.63 15.95
C ASP A 422 -0.56 6.46 15.92
N PRO A 423 -0.29 5.86 17.10
CA PRO A 423 0.65 4.75 17.18
C PRO A 423 0.12 3.52 16.45
N LEU A 424 1.06 2.68 16.02
CA LEU A 424 0.74 1.46 15.32
C LEU A 424 1.12 0.26 16.17
N LYS A 425 0.17 -0.62 16.46
CA LYS A 425 0.46 -1.79 17.28
C LYS A 425 1.35 -2.76 16.52
N LEU A 426 2.34 -3.35 17.18
CA LEU A 426 3.22 -4.30 16.50
C LEU A 426 2.93 -5.74 16.91
N THR A 427 1.68 -5.96 17.30
CA THR A 427 1.23 -7.28 17.70
C THR A 427 -0.08 -7.59 16.95
N HIS A 428 -0.46 -8.86 16.91
CA HIS A 428 -1.69 -9.25 16.25
C HIS A 428 -2.63 -9.84 17.30
N THR A 429 -3.91 -9.88 16.97
CA THR A 429 -4.92 -10.40 17.88
C THR A 429 -5.42 -11.76 17.41
N TRP A 430 -5.85 -12.60 18.35
CA TRP A 430 -6.37 -13.91 17.97
C TRP A 430 -7.75 -14.24 18.50
N GLN A 431 -8.16 -13.57 19.56
CA GLN A 431 -9.47 -13.86 20.13
C GLN A 431 -10.59 -13.46 19.17
N THR A 432 -11.46 -14.42 18.87
CA THR A 432 -12.61 -14.21 17.99
C THR A 432 -13.80 -14.22 18.92
N ASN A 433 -14.98 -13.93 18.40
CA ASN A 433 -16.16 -13.93 19.24
C ASN A 433 -16.29 -15.16 20.12
N ARG A 434 -15.76 -16.28 19.66
CA ARG A 434 -15.84 -17.53 20.41
C ARG A 434 -14.93 -17.58 21.62
N HIS A 435 -13.95 -16.68 21.67
CA HIS A 435 -13.03 -16.65 22.80
C HIS A 435 -13.14 -15.37 23.63
N LEU A 436 -14.34 -14.82 23.77
CA LEU A 436 -14.51 -13.59 24.54
C LEU A 436 -15.21 -13.76 25.87
N GLY A 437 -14.47 -13.63 26.97
CA GLY A 437 -15.12 -13.71 28.26
C GLY A 437 -14.91 -14.98 29.05
N MET A 438 -15.84 -15.22 29.97
CA MET A 438 -15.81 -16.38 30.83
C MET A 438 -16.11 -17.69 30.10
N PRO A 439 -15.11 -18.59 29.98
CA PRO A 439 -15.43 -19.84 29.28
C PRO A 439 -16.45 -20.59 30.14
N PRO A 440 -17.31 -21.44 29.55
CA PRO A 440 -18.29 -22.17 30.36
C PRO A 440 -17.57 -23.08 31.35
N ARG A 441 -18.19 -23.32 32.49
CA ARG A 441 -17.56 -24.16 33.51
C ARG A 441 -17.65 -25.64 33.20
N ILE A 442 -16.49 -26.30 33.10
CA ILE A 442 -16.47 -27.72 32.84
C ILE A 442 -16.98 -28.42 34.09
N THR A 443 -17.56 -29.60 33.91
CA THR A 443 -18.09 -30.36 35.03
C THR A 443 -16.99 -30.99 35.86
N ASP A 444 -16.00 -31.60 35.20
CA ASP A 444 -14.87 -32.22 35.89
C ASP A 444 -13.64 -32.19 35.02
N LEU A 445 -12.47 -32.29 35.65
CA LEU A 445 -11.24 -32.28 34.90
C LEU A 445 -11.10 -33.57 34.11
N PRO A 446 -10.50 -33.50 32.91
CA PRO A 446 -10.31 -34.68 32.08
C PRO A 446 -9.70 -35.80 32.90
N THR A 447 -10.09 -37.03 32.61
CA THR A 447 -9.59 -38.19 33.34
C THR A 447 -8.20 -38.68 32.92
N SER A 448 -7.81 -38.37 31.70
CA SER A 448 -6.50 -38.77 31.17
C SER A 448 -6.02 -37.71 30.19
N ASP A 449 -4.75 -37.77 29.85
CA ASP A 449 -4.17 -36.80 28.93
C ASP A 449 -4.77 -36.79 27.53
N THR A 450 -5.62 -37.76 27.23
CA THR A 450 -6.23 -37.85 25.91
C THR A 450 -7.72 -37.56 25.94
N ALA A 451 -8.29 -37.54 27.14
CA ALA A 451 -9.72 -37.30 27.31
C ALA A 451 -10.20 -35.87 27.13
N THR A 452 -11.52 -35.75 27.00
CA THR A 452 -12.19 -34.47 26.83
C THR A 452 -12.91 -34.24 28.16
N ALA A 453 -13.44 -33.03 28.34
CA ALA A 453 -14.20 -32.70 29.54
C ALA A 453 -15.54 -32.23 29.01
N SER A 454 -16.57 -32.32 29.83
CA SER A 454 -17.88 -31.90 29.37
C SER A 454 -18.49 -30.82 30.24
N LEU A 455 -19.32 -29.99 29.63
CA LEU A 455 -19.99 -28.89 30.32
C LEU A 455 -21.30 -29.45 30.83
N THR A 456 -22.09 -28.62 31.51
CA THR A 456 -23.37 -29.10 32.00
C THR A 456 -24.40 -28.96 30.87
N ALA A 457 -25.45 -29.77 30.91
CA ALA A 457 -26.50 -29.78 29.88
C ALA A 457 -26.98 -28.40 29.39
N ASN A 458 -27.07 -28.25 28.08
CA ASN A 458 -27.53 -27.00 27.45
C ASN A 458 -28.78 -26.46 28.14
N GLY A 459 -29.72 -27.35 28.41
CA GLY A 459 -30.95 -26.96 29.05
C GLY A 459 -30.82 -26.41 30.46
N ASP A 460 -29.79 -26.82 31.18
CA ASP A 460 -29.61 -26.36 32.56
C ASP A 460 -28.48 -25.38 32.79
N ARG A 461 -27.76 -25.03 31.72
CA ARG A 461 -26.63 -24.11 31.83
C ARG A 461 -27.09 -22.66 31.99
N PHE A 462 -26.32 -21.89 32.77
CA PHE A 462 -26.62 -20.47 32.99
C PHE A 462 -26.00 -19.67 31.87
N GLY A 463 -26.52 -18.47 31.64
CA GLY A 463 -25.96 -17.63 30.58
C GLY A 463 -27.02 -16.84 29.89
N SER A 464 -26.64 -16.14 28.81
CA SER A 464 -27.60 -15.34 28.06
C SER A 464 -27.41 -15.47 26.56
N THR A 465 -28.51 -15.34 25.82
CA THR A 465 -28.50 -15.42 24.36
C THR A 465 -29.45 -14.35 23.85
N GLN A 466 -29.40 -14.12 22.54
CA GLN A 466 -30.28 -13.13 21.94
C GLN A 466 -31.33 -13.79 21.07
N THR A 467 -31.48 -15.09 21.26
CA THR A 467 -32.46 -15.90 20.53
C THR A 467 -33.36 -16.52 21.59
N GLN A 468 -34.52 -15.92 21.80
CA GLN A 468 -35.42 -16.41 22.83
C GLN A 468 -36.46 -17.42 22.40
N ASN A 469 -36.16 -18.18 21.36
CA ASN A 469 -37.09 -19.21 20.95
C ASN A 469 -36.66 -20.57 21.49
N VAL A 470 -35.40 -20.65 21.88
CA VAL A 470 -34.82 -21.87 22.43
C VAL A 470 -34.38 -21.65 23.89
N ASN A 471 -34.69 -22.62 24.74
CA ASN A 471 -34.38 -22.54 26.15
C ASN A 471 -33.06 -23.20 26.46
N TYR A 472 -31.96 -22.60 26.01
CA TYR A 472 -30.65 -23.17 26.30
C TYR A 472 -29.53 -22.30 25.78
N VAL A 473 -28.36 -22.46 26.39
CA VAL A 473 -27.19 -21.67 26.01
C VAL A 473 -26.12 -22.56 25.40
N THR A 474 -25.36 -22.01 24.46
CA THR A 474 -24.29 -22.73 23.79
C THR A 474 -23.26 -21.74 23.33
N GLU A 475 -22.00 -22.14 23.34
CA GLU A 475 -20.93 -21.25 22.92
C GLU A 475 -21.28 -20.45 21.66
N ALA A 476 -21.98 -21.07 20.73
CA ALA A 476 -22.33 -20.39 19.49
C ALA A 476 -23.49 -19.41 19.61
N LEU A 477 -24.42 -19.66 20.52
CA LEU A 477 -25.58 -18.77 20.70
C LEU A 477 -25.34 -17.67 21.72
N ARG A 478 -24.47 -17.97 22.66
CA ARG A 478 -24.10 -17.07 23.74
C ARG A 478 -23.81 -15.64 23.32
N THR A 479 -24.33 -14.69 24.09
CA THR A 479 -24.15 -13.27 23.83
C THR A 479 -22.74 -12.80 24.18
N ARG A 480 -22.07 -12.19 23.20
CA ARG A 480 -20.73 -11.68 23.40
C ARG A 480 -20.83 -10.15 23.45
N PRO A 481 -19.81 -9.45 23.99
CA PRO A 481 -19.80 -7.99 24.10
C PRO A 481 -20.03 -7.24 22.79
N ALA A 482 -19.29 -7.63 21.77
CA ALA A 482 -19.42 -6.99 20.47
C ALA A 482 -19.04 -7.96 19.36
N GLN A 483 -18.99 -7.47 18.13
CA GLN A 483 -18.65 -8.31 16.99
C GLN A 483 -17.25 -8.06 16.48
N ILE A 484 -16.38 -9.04 16.60
CA ILE A 484 -15.00 -8.90 16.14
C ILE A 484 -14.89 -9.33 14.67
N GLY A 485 -14.67 -8.34 13.80
CA GLY A 485 -14.58 -8.60 12.38
C GLY A 485 -15.97 -8.43 11.80
N PHE A 486 -16.12 -8.60 10.49
CA PHE A 486 -17.43 -8.47 9.86
C PHE A 486 -17.42 -8.86 8.38
N MET A 487 -18.60 -9.16 7.86
CA MET A 487 -18.79 -9.57 6.47
C MET A 487 -18.70 -8.39 5.52
N GLN A 488 -17.91 -8.53 4.46
CA GLN A 488 -17.77 -7.44 3.50
C GLN A 488 -18.21 -7.85 2.11
N PRO A 489 -18.87 -6.95 1.37
CA PRO A 489 -19.32 -7.24 0.01
C PRO A 489 -18.15 -7.41 -0.97
N HIS A 490 -18.10 -8.55 -1.65
CA HIS A 490 -17.03 -8.85 -2.61
C HIS A 490 -17.57 -9.71 -3.77
N ASP A 491 -17.10 -9.50 -5.01
CA ASP A 491 -16.11 -8.49 -5.42
C ASP A 491 -16.90 -7.34 -6.00
N ASN A 492 -17.37 -6.49 -5.10
CA ASN A 492 -18.19 -5.35 -5.42
C ASN A 492 -17.58 -4.26 -6.30
N PHE A 493 -18.24 -3.98 -7.41
CA PHE A 493 -17.81 -2.93 -8.34
C PHE A 493 -18.90 -1.86 -8.34
N GLU A 494 -18.48 -0.60 -8.23
CA GLU A 494 -19.45 0.48 -8.22
C GLU A 494 -19.08 1.46 -9.33
N ALA A 495 -20.00 2.34 -9.68
CA ALA A 495 -19.73 3.26 -10.77
C ALA A 495 -20.19 4.70 -10.58
N ASN A 496 -19.32 5.61 -10.99
CA ASN A 496 -19.52 7.04 -10.92
C ASN A 496 -19.26 7.59 -12.31
N ARG A 497 -19.27 8.90 -12.43
CA ARG A 497 -18.98 9.54 -13.70
C ARG A 497 -17.68 9.00 -14.28
N GLY A 498 -16.69 8.80 -13.42
CA GLY A 498 -15.39 8.33 -13.86
C GLY A 498 -15.35 6.95 -14.50
N GLY A 499 -16.10 6.00 -13.95
CA GLY A 499 -16.12 4.65 -14.51
C GLY A 499 -16.33 3.61 -13.43
N PRO A 500 -16.30 2.33 -13.81
CA PRO A 500 -16.41 1.27 -12.80
C PRO A 500 -15.12 1.08 -12.01
N PHE A 501 -15.26 0.64 -10.77
CA PHE A 501 -14.11 0.41 -9.91
C PHE A 501 -14.42 -0.57 -8.80
N LYS A 502 -13.41 -1.33 -8.42
CA LYS A 502 -13.53 -2.32 -7.36
C LYS A 502 -13.52 -1.63 -6.00
N VAL A 503 -14.57 -1.81 -5.22
CA VAL A 503 -14.63 -1.20 -3.89
C VAL A 503 -13.61 -1.87 -2.99
N PRO A 504 -12.76 -1.07 -2.33
CA PRO A 504 -11.73 -1.59 -1.43
C PRO A 504 -12.37 -2.28 -0.22
N VAL A 505 -11.62 -3.20 0.40
CA VAL A 505 -12.13 -3.89 1.58
C VAL A 505 -11.05 -3.97 2.65
N VAL A 506 -11.49 -3.97 3.91
CA VAL A 506 -10.56 -4.02 5.02
C VAL A 506 -9.76 -5.32 5.06
N PRO A 507 -8.43 -5.22 5.03
CA PRO A 507 -7.55 -6.39 5.05
C PRO A 507 -7.65 -7.13 6.37
N LEU A 508 -8.33 -8.27 6.38
CA LEU A 508 -8.45 -9.07 7.59
C LEU A 508 -7.91 -10.46 7.30
N ASP A 509 -8.00 -11.33 8.29
CA ASP A 509 -7.49 -12.69 8.15
C ASP A 509 -8.28 -13.45 7.10
N ILE A 510 -7.61 -14.30 6.33
CA ILE A 510 -8.29 -15.07 5.30
C ILE A 510 -8.81 -16.40 5.82
N THR A 511 -8.64 -16.65 7.11
CA THR A 511 -9.26 -17.80 7.75
C THR A 511 -8.63 -19.12 7.32
N ALA A 512 -9.20 -20.22 7.81
CA ALA A 512 -8.87 -21.55 7.33
C ALA A 512 -9.30 -21.76 5.89
N GLY A 513 -10.47 -21.26 5.55
CA GLY A 513 -11.07 -21.46 4.24
C GLY A 513 -10.29 -20.81 3.13
N GLU A 514 -9.45 -19.83 3.49
CA GLU A 514 -8.62 -19.11 2.54
C GLU A 514 -9.41 -18.36 1.48
N ASP A 515 -10.38 -17.58 1.98
CA ASP A 515 -11.24 -16.77 1.13
C ASP A 515 -10.51 -15.45 0.96
N HIS A 516 -9.61 -15.42 -0.02
CA HIS A 516 -8.79 -14.27 -0.32
C HIS A 516 -9.46 -12.94 -0.59
N ASP A 517 -10.30 -12.90 -1.63
CA ASP A 517 -10.96 -11.66 -1.99
C ASP A 517 -11.96 -11.18 -0.94
N ALA A 518 -12.56 -12.11 -0.22
CA ALA A 518 -13.56 -11.78 0.80
C ALA A 518 -12.97 -11.08 2.02
N ASN A 519 -11.67 -11.24 2.22
CA ASN A 519 -11.01 -10.63 3.37
C ASN A 519 -9.89 -9.68 2.96
N GLY A 520 -10.06 -9.09 1.78
CA GLY A 520 -9.12 -8.12 1.26
C GLY A 520 -7.63 -8.40 1.20
N ALA A 521 -7.22 -9.63 0.94
CA ALA A 521 -5.79 -9.92 0.84
C ALA A 521 -5.29 -9.00 -0.27
N ILE A 522 -4.06 -8.52 -0.15
CA ILE A 522 -3.51 -7.63 -1.16
C ILE A 522 -2.40 -8.27 -1.95
N ARG A 523 -2.53 -8.20 -3.26
CA ARG A 523 -1.53 -8.77 -4.15
C ARG A 523 -0.90 -7.62 -4.89
N PHE A 524 0.42 -7.61 -4.96
CA PHE A 524 1.09 -6.56 -5.72
C PHE A 524 2.25 -7.05 -6.54
N ASN A 525 2.51 -6.33 -7.62
CA ASN A 525 3.57 -6.64 -8.55
C ASN A 525 4.59 -5.53 -8.52
N TYR A 526 5.85 -5.91 -8.40
CA TYR A 526 6.93 -4.94 -8.30
C TYR A 526 8.18 -5.26 -9.12
N GLY A 527 9.00 -4.22 -9.34
CA GLY A 527 10.22 -4.35 -10.11
C GLY A 527 11.45 -4.78 -9.34
N LYS A 528 12.60 -4.77 -10.02
CA LYS A 528 13.85 -5.19 -9.42
C LYS A 528 14.35 -4.19 -8.38
N GLN A 529 14.03 -2.92 -8.61
CA GLN A 529 14.40 -1.85 -7.70
C GLN A 529 13.69 -1.99 -6.36
N HIS A 530 12.56 -2.69 -6.36
CA HIS A 530 11.80 -2.84 -5.13
C HIS A 530 11.62 -4.24 -4.62
N GLY A 531 12.57 -5.13 -4.92
CA GLY A 531 12.46 -6.48 -4.39
C GLY A 531 12.63 -7.65 -5.34
N GLU A 532 12.02 -7.58 -6.51
CA GLU A 532 12.12 -8.67 -7.48
C GLU A 532 13.55 -9.14 -7.61
N ASP A 533 13.73 -10.45 -7.80
CA ASP A 533 15.07 -11.01 -7.94
C ASP A 533 15.71 -10.41 -9.18
N TRP A 534 16.90 -9.83 -9.01
CA TRP A 534 17.61 -9.22 -10.11
C TRP A 534 17.87 -10.22 -11.22
N ALA A 535 18.08 -11.47 -10.83
CA ALA A 535 18.35 -12.56 -11.76
C ALA A 535 17.19 -12.89 -12.71
N LYS A 536 15.97 -12.80 -12.20
CA LYS A 536 14.77 -13.09 -12.99
C LYS A 536 14.78 -12.28 -14.29
N GLN A 537 14.36 -12.92 -15.38
CA GLN A 537 14.36 -12.28 -16.70
C GLN A 537 12.98 -12.38 -17.36
N GLY A 538 12.65 -11.40 -18.20
CA GLY A 538 11.32 -11.32 -18.77
C GLY A 538 10.66 -10.04 -18.32
N ALA A 539 9.69 -9.56 -19.09
CA ALA A 539 8.99 -8.32 -18.74
C ALA A 539 8.14 -8.45 -17.48
N ALA A 540 7.62 -9.66 -17.24
CA ALA A 540 6.78 -9.92 -16.08
C ALA A 540 7.45 -9.56 -14.77
N PRO A 541 6.71 -8.87 -13.89
CA PRO A 541 7.18 -8.44 -12.57
C PRO A 541 7.00 -9.57 -11.56
N GLU A 542 7.53 -9.40 -10.36
CA GLU A 542 7.38 -10.43 -9.35
C GLU A 542 6.08 -10.10 -8.66
N ARG A 543 5.36 -11.14 -8.22
CA ARG A 543 4.08 -10.92 -7.59
C ARG A 543 4.03 -11.60 -6.24
N TYR A 544 3.34 -10.98 -5.29
CA TYR A 544 3.21 -11.54 -3.95
C TYR A 544 1.83 -11.21 -3.43
N THR A 545 1.28 -12.12 -2.63
CA THR A 545 -0.04 -11.92 -2.04
C THR A 545 0.12 -11.82 -0.53
N TRP A 546 -0.27 -10.68 0.03
CA TRP A 546 -0.15 -10.44 1.45
C TRP A 546 -1.41 -10.82 2.20
N ASP A 547 -1.25 -11.74 3.13
CA ASP A 547 -2.37 -12.21 3.94
C ASP A 547 -2.25 -11.61 5.35
N ALA A 548 -3.26 -10.85 5.76
CA ALA A 548 -3.28 -10.22 7.07
C ALA A 548 -2.72 -11.13 8.17
N ILE A 549 -1.83 -10.60 8.99
CA ILE A 549 -1.27 -11.37 10.08
C ILE A 549 -2.35 -11.79 11.09
N ASP A 550 -3.31 -10.91 11.35
CA ASP A 550 -4.32 -11.15 12.37
C ASP A 550 -5.17 -12.37 12.06
N SER A 551 -5.45 -13.17 13.08
CA SER A 551 -6.24 -14.38 12.92
C SER A 551 -7.63 -14.38 13.54
N ALA A 552 -8.14 -13.21 13.94
CA ALA A 552 -9.37 -13.19 14.70
C ALA A 552 -10.51 -12.38 14.09
N ALA A 553 -10.22 -11.65 13.02
CA ALA A 553 -11.25 -10.83 12.41
C ALA A 553 -11.67 -11.24 11.00
N GLY A 554 -11.05 -12.28 10.47
CA GLY A 554 -11.40 -12.73 9.12
C GLY A 554 -12.78 -13.36 9.06
N ARG A 555 -13.19 -13.83 7.89
CA ARG A 555 -14.49 -14.47 7.74
C ARG A 555 -14.38 -15.68 6.82
N ASP A 556 -14.89 -16.83 7.27
CA ASP A 556 -14.85 -18.06 6.49
C ASP A 556 -16.22 -18.16 5.79
N THR A 557 -16.35 -17.49 4.64
CA THR A 557 -17.61 -17.46 3.89
C THR A 557 -18.28 -18.82 3.76
N ALA A 558 -17.50 -19.86 3.52
CA ALA A 558 -18.03 -21.21 3.39
C ALA A 558 -18.86 -21.63 4.60
N ARG A 559 -18.29 -21.49 5.80
CA ARG A 559 -18.96 -21.88 7.04
C ARG A 559 -19.99 -20.90 7.59
N CYS A 560 -20.17 -19.75 6.95
CA CYS A 560 -21.14 -18.77 7.43
C CYS A 560 -22.56 -19.14 7.02
N PHE A 561 -23.54 -18.59 7.73
CA PHE A 561 -24.95 -18.88 7.44
C PHE A 561 -25.95 -18.05 8.24
N VAL A 562 -27.18 -17.93 7.73
CA VAL A 562 -28.22 -17.15 8.40
C VAL A 562 -29.45 -18.03 8.61
N GLN A 563 -30.00 -18.00 9.81
CA GLN A 563 -31.14 -18.84 10.17
C GLN A 563 -32.40 -18.00 10.41
N SER A 564 -33.50 -18.43 9.82
CA SER A 564 -34.78 -17.74 9.97
C SER A 564 -35.29 -17.83 11.40
N ALA A 565 -36.00 -16.79 11.83
CA ALA A 565 -36.55 -16.73 13.18
C ALA A 565 -38.04 -16.46 13.11
N PRO A 566 -38.80 -17.00 14.07
CA PRO A 566 -38.20 -17.63 15.23
C PRO A 566 -37.30 -18.79 14.82
N ILE A 567 -36.14 -18.85 15.46
CA ILE A 567 -35.13 -19.86 15.18
C ILE A 567 -35.46 -21.24 15.71
N SER A 568 -35.28 -22.24 14.86
CA SER A 568 -35.51 -23.63 15.24
C SER A 568 -34.25 -24.43 14.94
N ILE A 569 -33.90 -25.32 15.87
CA ILE A 569 -32.70 -26.13 15.72
C ILE A 569 -32.97 -27.61 15.96
N PRO A 570 -32.65 -28.46 14.96
CA PRO A 570 -32.05 -28.07 13.68
C PRO A 570 -33.06 -27.49 12.70
N PRO A 571 -32.58 -26.69 11.73
CA PRO A 571 -33.42 -26.06 10.72
C PRO A 571 -33.58 -26.88 9.44
N ASN A 572 -34.79 -26.91 8.89
CA ASN A 572 -35.01 -27.63 7.64
C ASN A 572 -34.43 -26.72 6.56
N GLN A 573 -34.12 -27.27 5.40
CA GLN A 573 -33.55 -26.49 4.30
C GLN A 573 -34.22 -25.16 3.98
N ASN A 574 -35.51 -25.03 4.29
CA ASN A 574 -36.22 -23.79 3.98
C ASN A 574 -36.08 -22.67 5.00
N GLN A 575 -35.45 -22.97 6.13
CA GLN A 575 -35.28 -21.95 7.16
C GLN A 575 -33.81 -21.70 7.50
N ILE A 576 -32.97 -21.74 6.47
CA ILE A 576 -31.55 -21.49 6.59
C ILE A 576 -30.97 -21.19 5.23
N LEU A 577 -30.31 -20.05 5.14
CA LEU A 577 -29.68 -19.61 3.91
C LEU A 577 -28.19 -19.86 4.09
N GLN A 578 -27.57 -20.60 3.17
CA GLN A 578 -26.15 -20.87 3.29
C GLN A 578 -25.36 -20.55 2.04
N ARG A 579 -24.09 -20.95 2.03
CA ARG A 579 -23.24 -20.67 0.90
C ARG A 579 -23.83 -21.14 -0.43
N GLU A 580 -24.02 -22.45 -0.55
CA GLU A 580 -24.57 -23.08 -1.75
C GLU A 580 -25.71 -22.35 -2.46
N ASP A 581 -26.76 -22.01 -1.72
CA ASP A 581 -27.93 -21.31 -2.28
C ASP A 581 -27.53 -20.19 -3.25
N ALA A 582 -28.27 -20.05 -4.34
CA ALA A 582 -27.95 -19.03 -5.33
C ALA A 582 -28.91 -17.84 -5.33
N ILE A 583 -28.34 -16.65 -5.54
CA ILE A 583 -29.10 -15.41 -5.56
C ILE A 583 -29.56 -15.10 -6.98
N ALA A 584 -30.79 -14.62 -7.11
CA ALA A 584 -31.39 -14.27 -8.40
C ALA A 584 -31.09 -15.31 -9.48
N GLY A 585 -31.17 -16.58 -9.10
CA GLY A 585 -30.91 -17.66 -10.03
C GLY A 585 -29.57 -17.62 -10.73
N ARG A 586 -28.51 -17.35 -9.97
CA ARG A 586 -27.17 -17.29 -10.53
C ARG A 586 -26.37 -18.29 -9.73
N THR A 587 -25.93 -19.35 -10.39
CA THR A 587 -25.17 -20.43 -9.79
C THR A 587 -24.06 -20.04 -8.81
N ASN A 588 -23.24 -19.07 -9.19
CA ASN A 588 -22.11 -18.66 -8.35
C ASN A 588 -22.27 -17.45 -7.42
N MET A 589 -23.40 -16.76 -7.52
CA MET A 589 -23.67 -15.61 -6.67
C MET A 589 -24.39 -16.07 -5.41
N HIS A 590 -23.70 -16.05 -4.29
CA HIS A 590 -24.29 -16.48 -3.03
C HIS A 590 -24.54 -15.25 -2.17
N TYR A 591 -25.38 -15.37 -1.15
CA TYR A 591 -25.68 -14.22 -0.30
C TYR A 591 -24.43 -13.53 0.24
N THR A 592 -23.43 -14.32 0.61
CA THR A 592 -22.19 -13.77 1.15
C THR A 592 -21.54 -12.72 0.23
N ASN A 593 -21.89 -12.74 -1.05
CA ASN A 593 -21.33 -11.81 -2.01
C ASN A 593 -21.84 -10.39 -1.89
N VAL A 594 -23.06 -10.23 -1.40
CA VAL A 594 -23.64 -8.90 -1.25
C VAL A 594 -24.04 -8.59 0.20
N PHE A 595 -23.55 -9.40 1.12
CA PHE A 595 -23.87 -9.23 2.52
C PHE A 595 -22.94 -8.24 3.23
N ASN A 596 -23.53 -7.29 3.92
CA ASN A 596 -22.77 -6.29 4.67
C ASN A 596 -23.11 -6.44 6.14
N SER A 597 -22.13 -6.89 6.92
CA SER A 597 -22.30 -7.12 8.35
C SER A 597 -21.86 -5.96 9.24
N TYR A 598 -21.26 -4.94 8.63
CA TYR A 598 -20.77 -3.78 9.37
C TYR A 598 -21.86 -3.16 10.22
N GLY A 599 -21.52 -2.82 11.46
CA GLY A 599 -22.50 -2.22 12.36
C GLY A 599 -21.87 -1.60 13.59
N PRO A 600 -22.68 -0.94 14.42
CA PRO A 600 -22.21 -0.28 15.64
C PRO A 600 -21.39 -1.18 16.54
N LEU A 601 -21.54 -2.49 16.40
CA LEU A 601 -20.80 -3.42 17.25
C LEU A 601 -19.54 -3.98 16.61
N SER A 602 -19.19 -3.49 15.43
CA SER A 602 -18.02 -3.98 14.73
C SER A 602 -16.70 -3.42 15.27
N ALA A 603 -15.74 -4.31 15.49
CA ALA A 603 -14.43 -3.95 15.99
C ALA A 603 -13.41 -4.75 15.21
N PHE A 604 -12.28 -4.13 14.87
CA PHE A 604 -11.26 -4.82 14.08
C PHE A 604 -9.91 -4.15 14.23
N PRO A 605 -8.83 -4.86 13.89
CA PRO A 605 -7.48 -4.31 13.99
C PRO A 605 -7.14 -3.45 12.77
N HIS A 606 -5.99 -2.78 12.86
CA HIS A 606 -5.51 -1.90 11.82
C HIS A 606 -4.70 -2.70 10.80
N PRO A 607 -4.80 -2.35 9.50
CA PRO A 607 -4.04 -3.09 8.48
C PRO A 607 -2.55 -3.15 8.86
N ASP A 608 -1.89 -4.26 8.54
CA ASP A 608 -0.48 -4.41 8.87
C ASP A 608 0.41 -3.59 7.95
N PRO A 609 1.57 -3.16 8.45
CA PRO A 609 2.52 -2.39 7.64
C PRO A 609 3.22 -3.44 6.79
N ILE A 610 3.57 -3.12 5.55
CA ILE A 610 4.22 -4.15 4.73
C ILE A 610 5.63 -3.86 4.23
N TYR A 611 6.61 -4.46 4.89
CA TYR A 611 8.00 -4.27 4.51
C TYR A 611 8.33 -5.28 3.41
N PRO A 612 9.01 -4.82 2.36
CA PRO A 612 9.38 -3.40 2.22
C PRO A 612 8.56 -2.60 1.19
N ASN A 613 7.64 -3.26 0.48
CA ASN A 613 6.82 -2.57 -0.51
C ASN A 613 5.74 -1.61 -0.03
N GLY A 614 5.33 -1.75 1.22
CA GLY A 614 4.28 -0.89 1.77
C GLY A 614 4.53 0.60 1.89
N GLN A 615 3.44 1.36 1.77
CA GLN A 615 3.49 2.80 1.89
C GLN A 615 3.53 3.04 3.40
N ILE A 616 4.12 4.15 3.85
CA ILE A 616 4.20 4.42 5.28
C ILE A 616 3.12 5.37 5.78
N TRP A 617 3.08 6.58 5.24
CA TRP A 617 2.07 7.54 5.66
C TRP A 617 1.18 7.93 4.50
N ASP A 618 0.07 8.61 4.78
CA ASP A 618 -0.83 9.01 3.71
C ASP A 618 -1.61 10.27 4.08
N LYS A 619 -1.93 11.06 3.07
CA LYS A 619 -2.71 12.28 3.23
C LYS A 619 -4.15 11.88 3.43
N GLU A 620 -4.85 12.56 4.31
CA GLU A 620 -6.25 12.24 4.54
C GLU A 620 -7.10 12.87 3.43
N LEU A 621 -8.26 12.29 3.14
CA LEU A 621 -9.15 12.81 2.11
C LEU A 621 -9.83 14.09 2.58
N ASP A 622 -9.83 15.10 1.72
CA ASP A 622 -10.43 16.38 2.05
C ASP A 622 -11.96 16.37 1.91
N LEU A 623 -12.61 15.56 2.74
CA LEU A 623 -14.06 15.46 2.73
C LEU A 623 -14.56 15.67 4.14
N GLU A 624 -15.71 16.30 4.28
CA GLU A 624 -16.25 16.55 5.61
C GLU A 624 -16.25 15.27 6.47
N HIS A 625 -16.82 14.20 5.94
CA HIS A 625 -16.89 12.92 6.65
C HIS A 625 -15.84 11.98 6.12
N LYS A 626 -14.84 11.71 6.94
CA LYS A 626 -13.71 10.87 6.57
C LYS A 626 -13.84 9.41 6.94
N PRO A 627 -13.03 8.56 6.30
CA PRO A 627 -13.02 7.12 6.54
C PRO A 627 -12.26 6.82 7.82
N ARG A 628 -12.65 5.75 8.51
CA ARG A 628 -11.99 5.36 9.75
C ARG A 628 -10.54 4.91 9.55
N LEU A 629 -10.14 4.66 8.30
CA LEU A 629 -8.77 4.25 8.00
C LEU A 629 -8.53 4.22 6.52
N HIS A 630 -7.32 3.87 6.13
CA HIS A 630 -6.97 3.74 4.72
C HIS A 630 -6.42 2.34 4.58
N VAL A 631 -6.59 1.74 3.40
CA VAL A 631 -6.11 0.39 3.19
C VAL A 631 -4.66 0.38 2.75
N THR A 632 -4.28 1.41 2.02
CA THR A 632 -2.94 1.54 1.48
C THR A 632 -1.83 2.01 2.43
N ALA A 633 -2.17 2.42 3.64
CA ALA A 633 -1.14 2.89 4.56
C ALA A 633 -1.54 2.81 6.03
N PRO A 634 -0.55 2.52 6.90
CA PRO A 634 -0.80 2.41 8.34
C PRO A 634 -0.88 3.76 9.07
N PHE A 635 -0.16 4.77 8.58
CA PHE A 635 -0.18 6.08 9.22
C PHE A 635 -0.85 7.15 8.38
N VAL A 636 -1.95 7.70 8.86
CA VAL A 636 -2.62 8.75 8.12
C VAL A 636 -2.41 10.03 8.89
N CYS A 637 -1.91 11.05 8.21
CA CYS A 637 -1.65 12.34 8.83
C CYS A 637 -2.92 13.06 9.25
N LYS A 638 -3.07 13.27 10.55
CA LYS A 638 -4.23 13.96 11.08
C LYS A 638 -4.26 15.39 10.55
N ASN A 639 -3.10 16.01 10.48
CA ASN A 639 -2.98 17.40 10.05
C ASN A 639 -2.61 17.40 8.55
N ASN A 640 -1.60 18.17 8.17
CA ASN A 640 -1.15 18.22 6.79
C ASN A 640 0.08 17.33 6.65
N PRO A 641 0.15 16.47 5.62
CA PRO A 641 1.29 15.58 5.41
C PRO A 641 2.52 16.26 4.86
N PRO A 642 3.68 15.59 4.93
CA PRO A 642 4.90 16.20 4.41
C PRO A 642 4.70 16.51 2.94
N GLY A 643 5.22 17.65 2.52
CA GLY A 643 5.07 18.07 1.13
C GLY A 643 5.87 17.27 0.12
N GLN A 644 5.39 17.24 -1.12
CA GLN A 644 6.06 16.51 -2.18
C GLN A 644 7.24 17.29 -2.74
N LEU A 645 8.30 16.56 -3.06
CA LEU A 645 9.52 17.15 -3.58
C LEU A 645 9.65 16.99 -5.11
N PHE A 646 9.60 18.10 -5.84
CA PHE A 646 9.68 18.07 -7.30
C PHE A 646 11.01 18.55 -7.89
N VAL A 647 11.43 17.92 -8.99
CA VAL A 647 12.67 18.30 -9.66
C VAL A 647 12.53 18.18 -11.17
N ARG A 648 13.44 18.83 -11.91
CA ARG A 648 13.45 18.77 -13.36
C ARG A 648 14.66 19.53 -13.87
N LEU A 649 15.11 19.20 -15.07
CA LEU A 649 16.24 19.90 -15.64
C LEU A 649 15.79 21.19 -16.29
N GLY A 650 16.63 22.21 -16.19
CA GLY A 650 16.31 23.48 -16.80
C GLY A 650 16.52 23.37 -18.30
N PRO A 651 15.59 23.88 -19.13
CA PRO A 651 15.79 23.76 -20.57
C PRO A 651 17.19 24.28 -20.95
N ASN A 652 17.97 23.43 -21.60
CA ASN A 652 19.30 23.82 -22.02
C ASN A 652 19.21 24.13 -23.51
N LEU A 653 18.93 25.39 -23.85
CA LEU A 653 18.78 25.80 -25.25
C LEU A 653 20.03 25.78 -26.11
N THR A 654 19.81 25.80 -27.43
CA THR A 654 20.91 25.80 -28.40
C THR A 654 21.04 27.18 -29.00
N ASP A 655 21.95 27.31 -29.97
CA ASP A 655 22.21 28.59 -30.59
C ASP A 655 21.05 29.12 -31.40
N GLN A 656 20.25 28.24 -32.00
CA GLN A 656 19.11 28.70 -32.79
C GLN A 656 17.82 28.43 -32.05
N PHE A 657 17.07 29.50 -31.83
CA PHE A 657 15.83 29.43 -31.09
C PHE A 657 14.80 30.43 -31.59
N ASP A 658 13.58 29.94 -31.84
CA ASP A 658 12.50 30.80 -32.28
C ASP A 658 11.27 30.54 -31.41
N PRO A 659 10.80 31.59 -30.74
CA PRO A 659 9.65 31.48 -29.84
C PRO A 659 8.35 31.18 -30.58
N ASN A 660 8.12 31.89 -31.68
CA ASN A 660 6.89 31.72 -32.45
C ASN A 660 6.80 30.40 -33.19
N SER A 661 7.79 29.54 -32.98
CA SER A 661 7.83 28.23 -33.61
C SER A 661 7.47 27.18 -32.57
N THR A 662 6.82 26.11 -32.99
CA THR A 662 6.47 25.04 -32.06
C THR A 662 7.68 24.13 -31.93
N THR A 663 8.60 24.24 -32.88
CA THR A 663 9.79 23.41 -32.91
C THR A 663 10.66 23.70 -31.69
N VAL A 664 11.18 22.64 -31.09
CA VAL A 664 12.07 22.79 -29.94
C VAL A 664 13.40 22.11 -30.19
N SER A 665 14.48 22.84 -29.98
CA SER A 665 15.82 22.26 -30.05
C SER A 665 16.48 22.47 -28.70
N ARG A 666 16.99 21.38 -28.13
CA ARG A 666 17.66 21.49 -26.84
C ARG A 666 18.93 20.63 -26.88
N ILE A 667 19.93 21.02 -26.11
CA ILE A 667 21.18 20.27 -26.02
C ILE A 667 20.86 19.05 -25.17
N VAL A 668 21.36 17.88 -25.56
CA VAL A 668 21.10 16.68 -24.77
C VAL A 668 21.77 16.83 -23.41
N THR A 669 20.96 16.79 -22.36
CA THR A 669 21.48 16.96 -21.01
C THR A 669 20.88 15.98 -20.02
N TYR A 670 21.60 15.72 -18.95
CA TYR A 670 21.12 14.85 -17.90
C TYR A 670 21.89 15.23 -16.65
N SER A 671 21.42 14.77 -15.49
CA SER A 671 22.09 15.10 -14.24
C SER A 671 22.00 13.99 -13.21
N THR A 672 22.88 14.09 -12.23
CA THR A 672 22.91 13.14 -11.14
C THR A 672 23.10 13.98 -9.87
N PHE A 673 22.54 13.50 -8.77
CA PHE A 673 22.63 14.20 -7.52
C PHE A 673 22.26 13.25 -6.38
N TYR A 674 22.69 13.58 -5.17
CA TYR A 674 22.40 12.74 -4.03
C TYR A 674 21.22 13.24 -3.23
N TRP A 675 20.56 12.32 -2.56
CA TRP A 675 19.40 12.62 -1.73
C TRP A 675 19.60 11.96 -0.38
N LYS A 676 19.50 12.74 0.69
CA LYS A 676 19.62 12.16 2.01
C LYS A 676 18.31 12.48 2.69
N GLY A 677 17.82 11.53 3.49
CA GLY A 677 16.58 11.74 4.20
C GLY A 677 16.72 11.23 5.61
N ILE A 678 16.02 11.87 6.54
CA ILE A 678 16.07 11.43 7.93
C ILE A 678 14.68 11.29 8.49
N LEU A 679 14.31 10.04 8.76
CA LEU A 679 13.00 9.68 9.27
C LEU A 679 13.16 9.17 10.69
N LYS A 680 12.44 9.77 11.63
CA LYS A 680 12.53 9.37 13.02
C LYS A 680 11.27 8.76 13.59
N PHE A 681 11.44 7.65 14.30
CA PHE A 681 10.31 6.96 14.90
C PHE A 681 10.47 6.91 16.40
N LYS A 682 9.35 6.77 17.07
CA LYS A 682 9.34 6.63 18.51
C LYS A 682 8.74 5.23 18.69
N ALA A 683 9.48 4.33 19.32
CA ALA A 683 9.00 2.97 19.51
C ALA A 683 9.19 2.50 20.94
N LYS A 684 8.40 1.53 21.37
CA LYS A 684 8.51 1.02 22.73
C LYS A 684 8.74 -0.49 22.81
N LEU A 685 9.73 -0.90 23.62
CA LEU A 685 10.06 -2.31 23.80
C LEU A 685 8.89 -3.06 24.40
N ARG A 686 8.71 -4.30 23.94
CA ARG A 686 7.60 -5.14 24.39
C ARG A 686 7.75 -5.80 25.75
N PRO A 687 6.62 -6.04 26.42
CA PRO A 687 6.58 -6.69 27.74
C PRO A 687 6.66 -8.19 27.47
N ASN A 688 6.88 -8.99 28.51
CA ASN A 688 6.99 -10.43 28.33
C ASN A 688 6.41 -11.16 29.52
N LEU A 689 5.19 -11.67 29.38
CA LEU A 689 4.53 -12.33 30.51
C LEU A 689 4.03 -13.77 30.38
N THR A 690 3.92 -14.26 29.16
CA THR A 690 3.47 -15.63 28.92
C THR A 690 4.51 -16.59 29.44
N TRP A 691 4.08 -17.78 29.84
CA TRP A 691 5.03 -18.78 30.33
C TRP A 691 5.75 -19.41 29.14
N ASN A 692 4.97 -19.71 28.12
CA ASN A 692 5.47 -20.34 26.90
C ASN A 692 6.25 -19.39 26.02
N PRO A 693 7.25 -19.91 25.29
CA PRO A 693 8.04 -19.07 24.40
C PRO A 693 7.10 -18.56 23.34
N VAL A 694 7.38 -17.37 22.85
CA VAL A 694 6.52 -16.77 21.87
C VAL A 694 7.06 -16.85 20.44
N TYR A 695 6.16 -16.75 19.47
CA TYR A 695 6.54 -16.80 18.05
C TYR A 695 7.42 -15.63 17.62
N GLN A 696 8.58 -15.93 17.05
CA GLN A 696 9.51 -14.89 16.59
C GLN A 696 9.79 -15.03 15.09
N ALA A 697 10.15 -13.92 14.46
CA ALA A 697 10.46 -13.95 13.04
C ALA A 697 11.89 -14.43 12.93
N THR A 698 12.10 -15.58 12.32
CA THR A 698 13.45 -16.13 12.19
C THR A 698 13.85 -16.45 10.77
N THR A 699 15.09 -16.89 10.65
CA THR A 699 15.67 -17.25 9.37
C THR A 699 16.10 -18.73 9.53
N ASP A 700 16.23 -19.47 8.44
CA ASP A 700 16.66 -20.88 8.53
C ASP A 700 17.52 -21.34 7.34
N SER A 701 18.02 -22.58 7.43
CA SER A 701 18.87 -23.13 6.39
C SER A 701 18.19 -24.19 5.49
N VAL A 702 16.95 -24.54 5.82
CA VAL A 702 16.16 -25.51 5.06
C VAL A 702 15.92 -25.05 3.62
N ALA A 703 16.43 -25.80 2.65
CA ALA A 703 16.27 -25.46 1.24
C ALA A 703 14.82 -25.27 0.83
N ASN A 704 14.59 -24.25 0.00
CA ASN A 704 13.26 -23.92 -0.49
C ASN A 704 12.28 -23.41 0.55
N SER A 705 12.79 -23.00 1.70
CA SER A 705 11.93 -22.45 2.75
C SER A 705 11.76 -20.98 2.44
N TYR A 706 10.60 -20.41 2.77
CA TYR A 706 10.39 -19.00 2.47
C TYR A 706 11.36 -18.13 3.24
N MET A 707 11.75 -18.59 4.42
CA MET A 707 12.66 -17.85 5.26
C MET A 707 14.10 -18.36 5.24
N ASN A 708 14.55 -18.83 4.08
CA ASN A 708 15.90 -19.32 3.96
C ASN A 708 16.89 -18.16 3.87
N VAL A 709 17.94 -18.21 4.68
CA VAL A 709 18.97 -17.16 4.69
C VAL A 709 19.48 -16.74 3.33
N LYS A 710 19.67 -17.73 2.47
CA LYS A 710 20.13 -17.52 1.11
C LYS A 710 19.35 -16.48 0.30
N LYS A 711 18.13 -16.17 0.71
CA LYS A 711 17.30 -15.19 -0.01
C LYS A 711 17.77 -13.77 0.24
N TRP A 712 18.35 -13.54 1.41
CA TRP A 712 18.81 -12.20 1.75
C TRP A 712 20.32 -12.01 1.62
N LEU A 713 20.95 -12.84 0.81
CA LEU A 713 22.39 -12.73 0.59
C LEU A 713 22.58 -12.46 -0.88
N PRO A 714 23.79 -12.04 -1.28
CA PRO A 714 23.97 -11.79 -2.71
C PRO A 714 24.30 -13.11 -3.42
N SER A 715 24.16 -13.11 -4.73
CA SER A 715 24.47 -14.28 -5.54
C SER A 715 25.95 -14.21 -5.91
N ALA A 716 26.43 -15.16 -6.72
CA ALA A 716 27.83 -15.16 -7.09
C ALA A 716 28.20 -13.94 -7.91
N THR A 717 27.20 -13.33 -8.56
CA THR A 717 27.45 -12.14 -9.36
C THR A 717 26.77 -10.90 -8.79
N GLY A 718 26.36 -10.99 -7.54
CA GLY A 718 25.74 -9.87 -6.87
C GLY A 718 24.25 -9.63 -7.01
N ASN A 719 23.50 -10.61 -7.48
CA ASN A 719 22.06 -10.42 -7.62
C ASN A 719 21.37 -10.52 -6.27
N MET A 720 20.60 -9.48 -5.97
CA MET A 720 19.86 -9.40 -4.71
C MET A 720 18.41 -9.79 -4.88
N HIS A 721 17.76 -10.03 -3.75
CA HIS A 721 16.36 -10.43 -3.75
C HIS A 721 15.76 -10.05 -2.39
N SER A 722 14.77 -9.17 -2.37
CA SER A 722 14.18 -8.80 -1.10
C SER A 722 12.68 -9.03 -1.06
N ASP A 723 12.30 -10.16 -0.46
CA ASP A 723 10.91 -10.56 -0.34
C ASP A 723 10.24 -9.91 0.85
N PRO A 724 8.91 -9.83 0.81
CA PRO A 724 8.12 -9.24 1.91
C PRO A 724 8.40 -10.04 3.19
N LEU A 725 8.64 -9.33 4.29
CA LEU A 725 8.91 -9.97 5.58
C LEU A 725 7.69 -9.97 6.47
N ILE A 726 7.61 -10.98 7.33
CA ILE A 726 6.50 -11.09 8.24
C ILE A 726 6.55 -9.92 9.21
N CYS A 727 5.45 -9.64 9.90
CA CYS A 727 5.46 -8.57 10.88
C CYS A 727 4.42 -8.91 11.94
N ARG A 728 4.40 -8.15 13.04
CA ARG A 728 3.46 -8.41 14.12
C ARG A 728 3.48 -9.90 14.48
N PRO A 729 4.66 -10.47 14.68
CA PRO A 729 4.74 -11.88 15.03
C PRO A 729 4.18 -12.24 16.40
N VAL A 730 4.31 -11.33 17.37
CA VAL A 730 3.82 -11.66 18.70
C VAL A 730 2.33 -11.46 18.93
N PRO A 731 1.66 -12.46 19.51
CA PRO A 731 0.22 -12.43 19.80
C PRO A 731 -0.06 -11.53 20.99
N HIS A 732 -1.28 -11.04 21.10
CA HIS A 732 -1.65 -10.17 22.21
C HIS A 732 -3.13 -10.26 22.60
N MET A 733 -3.38 -10.22 23.91
CA MET A 733 -4.74 -10.28 24.47
C MET A 733 -5.64 -9.26 23.78
N THR A 734 -6.88 -9.63 23.51
CA THR A 734 -7.80 -8.68 22.89
C THR A 734 -8.82 -8.25 23.93
N TYR A 735 -9.03 -9.11 24.92
CA TYR A 735 -9.99 -8.86 25.99
C TYR A 735 -9.86 -9.91 27.10
#